data_5VBZ
#
_entry.id   5VBZ
#
_cell.length_a   61.840
_cell.length_b   75.440
_cell.length_c   93.630
_cell.angle_alpha   90.000
_cell.angle_beta   90.000
_cell.angle_gamma   90.000
#
_symmetry.space_group_name_H-M   'P 21 21 21'
#
loop_
_entity.id
_entity.type
_entity.pdbx_description
1 polymer 'GTPase HRas'
2 non-polymer 'PHOSPHOAMINOPHOSPHONIC ACID-GUANYLATE ESTER'
3 non-polymer 'MAGNESIUM ION'
4 non-polymer 1-(4-methoxyphenyl)-N-(3-sulfanylpropyl)-5-(trifluoromethyl)-1H-pyrazole-4-carboxamide
5 water water
#
_entity_poly.entity_id   1
_entity_poly.type   'polypeptide(L)'
_entity_poly.pdbx_seq_one_letter_code
;GAMGSMTEYKLVVVGAGGVGKSALTIQLIQNHFVDEYDPTIEDSYRKQVVIDGETCLLDILDTAGQEEYSAMRDQYCRTG
EGFLCVFAINNTKSFEDIHQYREQIKRVKDSDDVPMVLVGNKCDLAARTVESRQAQDLARSYGIPYIETSAKTRQGVEDA
FYTLVREIRQH
;
_entity_poly.pdbx_strand_id   A,B,C
#
# COMPACT_ATOMS: atom_id res chain seq x y z
N MET A 6 -12.98 17.78 -4.85
CA MET A 6 -12.31 16.68 -4.11
C MET A 6 -12.00 17.09 -2.68
N THR A 7 -11.62 16.12 -1.85
CA THR A 7 -11.32 16.38 -0.45
C THR A 7 -9.82 16.53 -0.26
N GLU A 8 -9.43 17.52 0.54
CA GLU A 8 -8.04 17.74 0.92
C GLU A 8 -7.90 17.52 2.43
N TYR A 9 -6.80 16.88 2.83
CA TYR A 9 -6.53 16.58 4.23
C TYR A 9 -5.27 17.31 4.65
N LYS A 10 -5.41 18.19 5.63
CA LYS A 10 -4.27 18.92 6.19
C LYS A 10 -3.69 18.09 7.33
N LEU A 11 -2.49 17.55 7.09
CA LEU A 11 -1.79 16.70 8.06
C LEU A 11 -0.55 17.44 8.55
N VAL A 12 -0.31 17.37 9.85
CA VAL A 12 0.81 18.04 10.51
C VAL A 12 1.64 16.99 11.21
N VAL A 13 2.93 16.93 10.89
CA VAL A 13 3.86 15.99 11.49
C VAL A 13 4.65 16.71 12.57
N VAL A 14 4.51 16.27 13.82
CA VAL A 14 5.17 16.88 14.96
C VAL A 14 5.99 15.82 15.68
N GLY A 15 6.89 16.27 16.53
CA GLY A 15 7.78 15.39 17.27
C GLY A 15 9.11 16.05 17.52
N ALA A 16 9.90 15.39 18.36
CA ALA A 16 11.20 15.91 18.74
C ALA A 16 12.16 15.93 17.56
N GLY A 17 13.26 16.63 17.74
CA GLY A 17 14.24 16.75 16.67
C GLY A 17 14.92 15.44 16.36
N GLY A 18 15.12 15.18 15.07
CA GLY A 18 15.85 14.02 14.60
C GLY A 18 15.10 12.70 14.63
N VAL A 19 13.83 12.69 15.03
CA VAL A 19 13.08 11.44 15.11
C VAL A 19 12.68 10.91 13.74
N GLY A 20 12.75 11.75 12.70
CA GLY A 20 12.49 11.29 11.35
C GLY A 20 11.21 11.79 10.72
N LYS A 21 10.72 12.95 11.17
CA LYS A 21 9.52 13.52 10.58
C LYS A 21 9.72 13.77 9.09
N SER A 22 10.83 14.41 8.72
CA SER A 22 11.09 14.75 7.34
C SER A 22 11.38 13.51 6.50
N ALA A 23 12.11 12.55 7.05
CA ALA A 23 12.33 11.30 6.33
C ALA A 23 11.00 10.57 6.08
N LEU A 24 10.09 10.62 7.05
CA LEU A 24 8.77 10.00 6.85
C LEU A 24 8.00 10.71 5.74
N THR A 25 7.87 12.04 5.84
CA THR A 25 7.12 12.77 4.82
C THR A 25 7.73 12.56 3.43
N ILE A 26 9.06 12.54 3.34
CA ILE A 26 9.70 12.40 2.03
C ILE A 26 9.59 10.97 1.53
N GLN A 27 9.53 9.99 2.44
CA GLN A 27 9.31 8.62 1.99
C GLN A 27 7.92 8.45 1.43
N LEU A 28 6.92 9.03 2.09
CA LEU A 28 5.56 8.99 1.54
C LEU A 28 5.50 9.71 0.19
N ILE A 29 5.96 10.96 0.14
CA ILE A 29 5.71 11.82 -1.02
C ILE A 29 6.61 11.44 -2.19
N GLN A 30 7.90 11.22 -1.93
CA GLN A 30 8.89 11.02 -2.98
C GLN A 30 9.36 9.57 -3.09
N ASN A 31 8.90 8.68 -2.21
CA ASN A 31 9.35 7.28 -2.25
C ASN A 31 10.86 7.20 -2.17
N HIS A 32 11.45 8.10 -1.39
CA HIS A 32 12.89 8.26 -1.32
C HIS A 32 13.30 8.47 0.13
N PHE A 33 14.25 7.67 0.60
CA PHE A 33 14.77 7.82 1.95
C PHE A 33 15.92 8.81 1.95
N VAL A 34 15.80 9.87 2.75
CA VAL A 34 16.86 10.86 2.90
C VAL A 34 17.83 10.34 3.95
N ASP A 35 19.05 10.01 3.51
CA ASP A 35 20.08 9.56 4.44
C ASP A 35 20.57 10.68 5.35
N GLU A 36 20.61 11.91 4.85
CA GLU A 36 21.18 13.03 5.57
C GLU A 36 20.20 13.56 6.62
N TYR A 37 20.73 14.43 7.49
CA TYR A 37 19.95 15.07 8.54
C TYR A 37 20.04 16.58 8.32
N ASP A 38 19.08 17.12 7.55
CA ASP A 38 18.95 18.55 7.33
C ASP A 38 17.86 19.07 8.25
N PRO A 39 18.20 19.72 9.37
CA PRO A 39 17.15 20.20 10.28
C PRO A 39 16.11 21.05 9.56
N THR A 40 14.85 20.79 9.88
CA THR A 40 13.74 21.51 9.30
C THR A 40 13.37 22.71 10.17
N ILE A 41 13.20 23.86 9.55
CA ILE A 41 12.57 25.01 10.20
C ILE A 41 11.08 25.03 9.94
N GLU A 42 10.70 24.86 8.68
CA GLU A 42 9.31 24.82 8.26
C GLU A 42 9.26 24.37 6.82
N ASP A 43 8.47 23.35 6.52
CA ASP A 43 8.37 22.87 5.15
C ASP A 43 6.95 22.38 4.90
N SER A 44 6.53 22.45 3.64
CA SER A 44 5.20 22.00 3.26
C SER A 44 5.30 21.16 2.00
N TYR A 45 4.50 20.10 1.93
CA TYR A 45 4.46 19.22 0.79
C TYR A 45 3.01 18.94 0.40
N ARG A 46 2.79 18.63 -0.87
CA ARG A 46 1.46 18.29 -1.36
C ARG A 46 1.57 17.13 -2.33
N LYS A 47 0.55 16.28 -2.36
CA LYS A 47 0.52 15.20 -3.33
C LYS A 47 -0.88 14.63 -3.41
N GLN A 48 -1.35 14.42 -4.64
CA GLN A 48 -2.61 13.72 -4.86
C GLN A 48 -2.37 12.22 -4.74
N VAL A 49 -3.16 11.56 -3.89
CA VAL A 49 -3.10 10.12 -3.71
C VAL A 49 -4.51 9.56 -3.77
N VAL A 50 -4.60 8.26 -3.97
CA VAL A 50 -5.85 7.53 -3.86
C VAL A 50 -5.86 6.82 -2.50
N ILE A 51 -6.92 7.02 -1.74
CA ILE A 51 -7.09 6.38 -0.45
C ILE A 51 -8.49 5.79 -0.41
N ASP A 52 -8.57 4.46 -0.32
CA ASP A 52 -9.83 3.75 -0.27
C ASP A 52 -10.73 4.15 -1.43
N GLY A 53 -10.15 4.17 -2.62
CA GLY A 53 -10.87 4.51 -3.83
C GLY A 53 -11.21 5.97 -3.99
N GLU A 54 -10.83 6.83 -3.05
CA GLU A 54 -11.12 8.25 -3.11
C GLU A 54 -9.84 9.00 -3.46
N THR A 55 -9.86 9.71 -4.60
CA THR A 55 -8.76 10.60 -4.93
C THR A 55 -8.82 11.83 -4.03
N CYS A 56 -7.71 12.12 -3.36
CA CYS A 56 -7.67 13.21 -2.41
C CYS A 56 -6.29 13.84 -2.43
N LEU A 57 -6.22 15.07 -1.94
CA LEU A 57 -4.99 15.85 -1.90
C LEU A 57 -4.45 15.87 -0.48
N LEU A 58 -3.26 15.33 -0.29
CA LEU A 58 -2.57 15.39 0.99
C LEU A 58 -1.74 16.67 1.03
N ASP A 59 -1.99 17.50 2.03
CA ASP A 59 -1.21 18.69 2.33
C ASP A 59 -0.55 18.45 3.68
N ILE A 60 0.78 18.29 3.68
CA ILE A 60 1.53 17.86 4.85
C ILE A 60 2.45 18.98 5.28
N LEU A 61 2.27 19.45 6.51
CA LEU A 61 3.15 20.46 7.11
C LEU A 61 4.21 19.74 7.94
N ASP A 62 5.46 19.81 7.49
CA ASP A 62 6.60 19.26 8.22
C ASP A 62 7.18 20.36 9.10
N THR A 63 7.05 20.19 10.41
CA THR A 63 7.46 21.19 11.38
C THR A 63 8.87 20.89 11.89
N ALA A 64 9.41 21.85 12.63
CA ALA A 64 10.70 21.68 13.28
C ALA A 64 10.54 20.96 14.60
N GLY A 65 11.57 20.21 14.98
CA GLY A 65 11.55 19.47 16.23
C GLY A 65 11.33 20.34 17.45
N CYS A 77 -0.95 26.28 12.01
CA CYS A 77 -1.03 25.98 13.44
C CYS A 77 -2.41 25.41 13.76
N ARG A 78 -3.40 26.29 13.84
CA ARG A 78 -4.77 25.89 14.11
C ARG A 78 -5.42 25.22 12.90
N THR A 79 -4.79 25.26 11.74
CA THR A 79 -5.37 24.76 10.51
C THR A 79 -5.15 23.26 10.30
N GLY A 80 -4.41 22.60 11.20
CA GLY A 80 -4.16 21.18 11.04
C GLY A 80 -5.42 20.37 11.32
N GLU A 81 -5.79 19.52 10.37
CA GLU A 81 -6.94 18.64 10.54
C GLU A 81 -6.54 17.31 11.18
N GLY A 82 -5.32 16.86 10.96
CA GLY A 82 -4.81 15.68 11.64
C GLY A 82 -3.35 15.86 11.99
N PHE A 83 -2.90 15.06 12.97
CA PHE A 83 -1.55 15.18 13.48
C PHE A 83 -0.90 13.81 13.64
N LEU A 84 0.32 13.67 13.11
CA LEU A 84 1.20 12.54 13.40
C LEU A 84 2.17 12.96 14.49
N CYS A 85 2.07 12.30 15.66
CA CYS A 85 2.96 12.55 16.78
C CYS A 85 4.06 11.49 16.74
N VAL A 86 5.26 11.90 16.35
CA VAL A 86 6.34 10.97 16.02
C VAL A 86 7.40 11.01 17.11
N PHE A 87 7.82 9.84 17.56
CA PHE A 87 9.04 9.64 18.33
C PHE A 87 9.84 8.55 17.64
N ALA A 88 11.06 8.33 18.10
CA ALA A 88 11.91 7.27 17.57
C ALA A 88 12.05 6.16 18.61
N ILE A 89 12.00 4.91 18.14
CA ILE A 89 12.03 3.78 19.06
C ILE A 89 13.41 3.61 19.68
N ASN A 90 14.43 4.24 19.10
CA ASN A 90 15.78 4.25 19.65
C ASN A 90 16.13 5.61 20.26
N ASN A 91 15.12 6.37 20.69
CA ASN A 91 15.30 7.70 21.27
C ASN A 91 14.30 7.80 22.42
N THR A 92 14.70 7.32 23.59
CA THR A 92 13.82 7.31 24.75
C THR A 92 13.26 8.70 25.03
N LYS A 93 14.10 9.72 24.99
CA LYS A 93 13.65 11.06 25.37
C LYS A 93 12.55 11.55 24.43
N SER A 94 12.66 11.24 23.14
CA SER A 94 11.63 11.69 22.20
C SER A 94 10.27 11.07 22.52
N PHE A 95 10.27 9.85 23.05
CA PHE A 95 9.01 9.26 23.51
C PHE A 95 8.56 9.91 24.82
N GLU A 96 9.51 10.18 25.73
CA GLU A 96 9.17 10.79 27.00
C GLU A 96 8.61 12.19 26.84
N ASP A 97 8.92 12.86 25.73
CA ASP A 97 8.51 14.24 25.49
C ASP A 97 7.33 14.37 24.53
N ILE A 98 6.73 13.25 24.12
CA ILE A 98 5.65 13.31 23.14
C ILE A 98 4.40 13.95 23.74
N HIS A 99 4.20 13.77 25.05
CA HIS A 99 3.06 14.36 25.73
C HIS A 99 3.02 15.86 25.54
N GLN A 100 4.19 16.51 25.49
CA GLN A 100 4.22 17.95 25.29
C GLN A 100 3.59 18.33 23.96
N TYR A 101 3.88 17.58 22.90
CA TYR A 101 3.28 17.87 21.61
C TYR A 101 1.78 17.61 21.63
N ARG A 102 1.36 16.49 22.23
CA ARG A 102 -0.08 16.23 22.31
C ARG A 102 -0.79 17.38 23.03
N GLU A 103 -0.25 17.81 24.17
CA GLU A 103 -0.91 18.85 24.95
C GLU A 103 -0.89 20.19 24.23
N GLN A 104 0.19 20.48 23.50
CA GLN A 104 0.22 21.67 22.67
C GLN A 104 -0.93 21.67 21.67
N ILE A 105 -1.06 20.57 20.93
CA ILE A 105 -2.16 20.44 19.96
C ILE A 105 -3.51 20.60 20.67
N LYS A 106 -3.70 19.86 21.77
CA LYS A 106 -4.95 19.94 22.51
C LYS A 106 -5.26 21.38 22.92
N ARG A 107 -4.24 22.13 23.33
CA ARG A 107 -4.43 23.54 23.64
C ARG A 107 -4.95 24.29 22.43
N VAL A 108 -4.19 24.24 21.33
CA VAL A 108 -4.50 25.06 20.17
C VAL A 108 -5.89 24.74 19.63
N LYS A 109 -6.16 23.45 19.39
CA LYS A 109 -7.44 23.06 18.79
C LYS A 109 -8.61 23.25 19.74
N ASP A 110 -8.36 23.31 21.05
CA ASP A 110 -9.43 23.37 22.05
C ASP A 110 -10.42 22.21 21.86
N SER A 111 -9.87 21.00 21.81
CA SER A 111 -10.69 19.80 21.63
C SER A 111 -9.96 18.61 22.24
N ASP A 112 -10.72 17.75 22.91
CA ASP A 112 -10.22 16.46 23.38
C ASP A 112 -10.33 15.39 22.31
N ASP A 113 -10.90 15.71 21.15
CA ASP A 113 -11.13 14.75 20.06
C ASP A 113 -10.48 15.32 18.80
N VAL A 114 -9.16 15.20 18.71
CA VAL A 114 -8.38 15.69 17.59
C VAL A 114 -7.84 14.49 16.83
N PRO A 115 -8.06 14.37 15.52
CA PRO A 115 -7.48 13.26 14.76
C PRO A 115 -5.98 13.15 14.96
N MET A 116 -5.51 11.99 15.42
CA MET A 116 -4.12 11.88 15.85
C MET A 116 -3.68 10.43 15.75
N VAL A 117 -2.40 10.24 15.47
CA VAL A 117 -1.78 8.91 15.40
C VAL A 117 -0.42 8.99 16.08
N LEU A 118 -0.13 8.01 16.94
CA LEU A 118 1.18 7.92 17.58
C LEU A 118 2.08 7.03 16.74
N VAL A 119 3.26 7.54 16.40
CA VAL A 119 4.15 6.92 15.42
C VAL A 119 5.48 6.62 16.09
N GLY A 120 5.89 5.36 16.05
CA GLY A 120 7.23 4.97 16.47
C GLY A 120 8.13 4.71 15.28
N ASN A 121 8.96 5.67 14.92
CA ASN A 121 9.76 5.60 13.70
C ASN A 121 11.09 4.90 13.96
N LYS A 122 11.82 4.63 12.87
CA LYS A 122 13.13 3.99 12.91
C LYS A 122 13.04 2.54 13.36
N CYS A 123 11.90 1.88 13.08
CA CYS A 123 11.68 0.51 13.53
C CYS A 123 12.54 -0.51 12.81
N ASP A 124 13.41 -0.07 11.90
CA ASP A 124 14.40 -0.95 11.30
C ASP A 124 15.67 -1.06 12.14
N LEU A 125 15.86 -0.19 13.11
CA LEU A 125 17.06 -0.19 13.95
C LEU A 125 16.89 -1.16 15.11
N ALA A 126 17.95 -1.86 15.41
CA ALA A 126 17.95 -2.80 16.49
C ALA A 126 18.24 -2.20 17.87
N ALA A 127 18.58 -0.94 17.95
CA ALA A 127 18.85 -0.29 19.23
C ALA A 127 17.60 0.21 19.97
N ARG A 128 16.64 -0.67 20.26
CA ARG A 128 15.34 -0.19 20.66
C ARG A 128 15.26 0.04 22.15
N THR A 129 14.97 1.25 22.55
CA THR A 129 14.97 1.59 23.91
C THR A 129 13.54 1.87 24.40
N VAL A 130 12.61 2.04 23.47
CA VAL A 130 11.21 2.22 23.79
C VAL A 130 10.49 0.93 23.41
N GLU A 131 9.90 0.27 24.39
CA GLU A 131 9.20 -0.98 24.14
C GLU A 131 7.85 -0.71 23.49
N SER A 132 7.45 -1.61 22.59
CA SER A 132 6.19 -1.44 21.87
C SER A 132 5.01 -1.36 22.85
N ARG A 133 5.00 -2.22 23.87
CA ARG A 133 3.89 -2.22 24.81
C ARG A 133 3.76 -0.88 25.53
N GLN A 134 4.88 -0.22 25.81
CA GLN A 134 4.84 1.10 26.43
C GLN A 134 4.13 2.10 25.54
N ALA A 135 4.53 2.17 24.26
CA ALA A 135 3.90 3.08 23.31
C ALA A 135 2.42 2.74 23.13
N GLN A 136 2.09 1.44 23.15
CA GLN A 136 0.69 1.03 23.03
C GLN A 136 -0.14 1.50 24.22
N ASP A 137 0.44 1.43 25.43
CA ASP A 137 -0.26 1.95 26.61
C ASP A 137 -0.48 3.45 26.49
N LEU A 138 0.55 4.19 26.09
CA LEU A 138 0.39 5.63 25.90
C LEU A 138 -0.72 5.92 24.88
N ALA A 139 -0.62 5.33 23.68
CA ALA A 139 -1.63 5.51 22.66
C ALA A 139 -3.02 5.20 23.19
N ARG A 140 -3.15 4.12 23.97
CA ARG A 140 -4.46 3.76 24.52
C ARG A 140 -4.97 4.84 25.44
N SER A 141 -4.12 5.37 26.33
CA SER A 141 -4.58 6.43 27.22
C SER A 141 -4.96 7.68 26.44
N TYR A 142 -4.33 7.91 25.28
CA TYR A 142 -4.74 9.00 24.41
C TYR A 142 -5.95 8.66 23.55
N GLY A 143 -6.35 7.40 23.47
CA GLY A 143 -7.44 7.02 22.61
C GLY A 143 -7.12 7.06 21.13
N ILE A 144 -5.87 6.86 20.77
CA ILE A 144 -5.42 6.99 19.38
C ILE A 144 -4.65 5.74 18.99
N PRO A 145 -4.55 5.45 17.70
CA PRO A 145 -3.79 4.28 17.27
C PRO A 145 -2.29 4.49 17.35
N TYR A 146 -1.59 3.38 17.52
CA TYR A 146 -0.13 3.36 17.52
C TYR A 146 0.36 2.56 16.31
N ILE A 147 1.30 3.14 15.58
CA ILE A 147 1.87 2.50 14.39
C ILE A 147 3.38 2.71 14.39
N GLU A 148 4.12 1.63 14.19
CA GLU A 148 5.57 1.72 14.07
C GLU A 148 5.95 1.81 12.59
N THR A 149 6.92 2.67 12.30
CA THR A 149 7.27 2.99 10.93
C THR A 149 8.78 2.94 10.75
N SER A 150 9.20 2.86 9.49
CA SER A 150 10.60 3.03 9.11
C SER A 150 10.63 3.83 7.81
N ALA A 151 11.11 5.07 7.88
CA ALA A 151 11.28 5.86 6.67
C ALA A 151 12.28 5.24 5.71
N LYS A 152 13.16 4.38 6.21
CA LYS A 152 14.16 3.73 5.35
C LYS A 152 13.54 2.59 4.54
N THR A 153 12.93 1.62 5.21
CA THR A 153 12.37 0.45 4.54
C THR A 153 10.94 0.67 4.07
N ARG A 154 10.31 1.76 4.47
CA ARG A 154 8.94 2.14 4.12
C ARG A 154 7.91 1.38 4.95
N GLN A 155 8.33 0.47 5.82
CA GLN A 155 7.41 -0.22 6.71
C GLN A 155 6.52 0.77 7.45
N GLY A 156 5.21 0.52 7.42
CA GLY A 156 4.26 1.28 8.22
C GLY A 156 4.02 2.71 7.81
N VAL A 157 4.69 3.20 6.77
CA VAL A 157 4.59 4.62 6.39
C VAL A 157 3.21 4.93 5.82
N GLU A 158 2.83 4.22 4.77
CA GLU A 158 1.47 4.32 4.26
C GLU A 158 0.45 4.03 5.35
N ASP A 159 0.69 3.00 6.15
CA ASP A 159 -0.19 2.69 7.27
C ASP A 159 -0.42 3.92 8.14
N ALA A 160 0.66 4.62 8.52
CA ALA A 160 0.54 5.76 9.44
C ALA A 160 -0.24 6.89 8.80
N PHE A 161 0.20 7.36 7.63
CA PHE A 161 -0.44 8.52 7.03
C PHE A 161 -1.91 8.22 6.68
N TYR A 162 -2.17 7.06 6.08
CA TYR A 162 -3.53 6.75 5.67
C TYR A 162 -4.44 6.51 6.88
N THR A 163 -3.92 5.84 7.92
CA THR A 163 -4.69 5.71 9.15
C THR A 163 -5.07 7.08 9.70
N LEU A 164 -4.15 8.04 9.67
CA LEU A 164 -4.50 9.39 10.13
C LEU A 164 -5.62 9.98 9.26
N VAL A 165 -5.53 9.81 7.94
CA VAL A 165 -6.60 10.29 7.06
C VAL A 165 -7.94 9.67 7.46
N ARG A 166 -7.96 8.36 7.71
CA ARG A 166 -9.20 7.69 8.08
C ARG A 166 -9.71 8.18 9.44
N GLU A 167 -8.80 8.49 10.35
CA GLU A 167 -9.19 9.10 11.62
C GLU A 167 -9.84 10.45 11.40
N ILE A 168 -9.33 11.24 10.46
CA ILE A 168 -9.99 12.48 10.09
C ILE A 168 -11.39 12.19 9.55
N ARG A 169 -11.53 11.12 8.75
CA ARG A 169 -12.82 10.78 8.19
C ARG A 169 -13.85 10.47 9.27
N GLN A 170 -13.47 9.66 10.27
CA GLN A 170 -14.40 9.31 11.33
C GLN A 170 -14.83 10.53 12.15
N HIS A 171 -14.05 11.60 12.13
CA HIS A 171 -14.34 12.78 12.90
C HIS A 171 -15.39 13.66 12.21
N MET B 6 -11.26 6.50 -13.20
CA MET B 6 -10.02 5.67 -13.18
C MET B 6 -9.72 5.06 -14.55
N THR B 7 -8.59 5.44 -15.14
CA THR B 7 -8.18 4.88 -16.43
C THR B 7 -7.22 3.72 -16.22
N GLU B 8 -7.41 2.65 -16.99
CA GLU B 8 -6.61 1.44 -16.87
C GLU B 8 -5.54 1.43 -17.95
N TYR B 9 -4.28 1.25 -17.53
CA TYR B 9 -3.14 1.30 -18.44
C TYR B 9 -2.38 -0.01 -18.38
N LYS B 10 -2.30 -0.71 -19.52
CA LYS B 10 -1.59 -1.99 -19.60
C LYS B 10 -0.17 -1.75 -20.10
N LEU B 11 0.79 -1.95 -19.20
CA LEU B 11 2.21 -1.82 -19.50
C LEU B 11 2.84 -3.21 -19.49
N VAL B 12 3.75 -3.46 -20.43
CA VAL B 12 4.42 -4.74 -20.57
C VAL B 12 5.92 -4.50 -20.47
N VAL B 13 6.61 -5.32 -19.68
CA VAL B 13 8.05 -5.19 -19.49
C VAL B 13 8.74 -6.33 -20.21
N VAL B 14 9.60 -5.99 -21.19
CA VAL B 14 10.30 -6.99 -21.98
C VAL B 14 11.79 -6.69 -21.96
N GLY B 15 12.57 -7.70 -22.35
CA GLY B 15 14.01 -7.59 -22.35
C GLY B 15 14.65 -8.93 -22.10
N ALA B 16 15.96 -8.99 -22.35
CA ALA B 16 16.70 -10.24 -22.25
C ALA B 16 16.72 -10.73 -20.80
N GLY B 17 17.10 -11.99 -20.63
CA GLY B 17 17.12 -12.58 -19.30
C GLY B 17 18.13 -11.88 -18.41
N GLY B 18 17.74 -11.67 -17.15
CA GLY B 18 18.61 -11.10 -16.15
C GLY B 18 18.77 -9.60 -16.20
N VAL B 19 18.07 -8.90 -17.06
CA VAL B 19 18.22 -7.50 -17.18
C VAL B 19 17.62 -6.70 -16.01
N GLY B 20 16.70 -7.29 -15.27
CA GLY B 20 16.01 -6.66 -14.20
C GLY B 20 14.56 -6.28 -14.44
N LYS B 21 13.85 -7.01 -15.27
CA LYS B 21 12.45 -6.74 -15.60
C LYS B 21 11.57 -6.82 -14.33
N SER B 22 11.65 -7.95 -13.69
CA SER B 22 11.00 -8.20 -12.43
C SER B 22 11.48 -7.30 -11.28
N ALA B 23 12.76 -7.06 -11.19
CA ALA B 23 13.26 -6.19 -10.12
C ALA B 23 12.71 -4.78 -10.25
N LEU B 24 12.64 -4.25 -11.48
CA LEU B 24 12.00 -2.96 -11.69
C LEU B 24 10.53 -3.00 -11.31
N THR B 25 9.81 -4.02 -11.78
CA THR B 25 8.38 -4.11 -11.47
C THR B 25 8.14 -4.15 -9.97
N ILE B 26 8.84 -5.04 -9.27
CA ILE B 26 8.64 -5.18 -7.82
C ILE B 26 9.10 -3.93 -7.09
N GLN B 27 10.12 -3.24 -7.60
CA GLN B 27 10.51 -1.98 -6.98
C GLN B 27 9.39 -0.95 -7.08
N LEU B 28 8.71 -0.90 -8.24
CA LEU B 28 7.60 0.03 -8.38
C LEU B 28 6.42 -0.36 -7.51
N ILE B 29 6.03 -1.63 -7.55
CA ILE B 29 4.78 -2.06 -6.90
C ILE B 29 4.95 -2.15 -5.40
N GLN B 30 5.98 -2.86 -4.95
CA GLN B 30 6.13 -3.22 -3.55
C GLN B 30 7.30 -2.53 -2.87
N ASN B 31 7.97 -1.60 -3.55
CA ASN B 31 9.08 -0.82 -2.98
C ASN B 31 10.14 -1.73 -2.37
N HIS B 32 10.39 -2.85 -3.05
CA HIS B 32 11.37 -3.85 -2.62
C HIS B 32 12.34 -4.10 -3.76
N PHE B 33 13.61 -4.30 -3.42
CA PHE B 33 14.67 -4.72 -4.33
C PHE B 33 14.95 -6.21 -4.16
N VAL B 34 14.53 -6.97 -5.15
CA VAL B 34 14.83 -8.34 -5.23
C VAL B 34 16.33 -8.41 -5.50
N ASP B 35 17.03 -9.11 -4.66
CA ASP B 35 18.44 -9.15 -4.70
C ASP B 35 18.93 -10.49 -5.24
N GLU B 36 19.40 -11.38 -4.39
CA GLU B 36 19.95 -12.64 -4.85
C GLU B 36 18.92 -13.78 -4.76
N TYR B 37 17.66 -13.43 -4.88
CA TYR B 37 16.58 -14.40 -4.81
C TYR B 37 15.52 -13.97 -5.70
N ASP B 38 14.99 -14.85 -6.50
CA ASP B 38 13.97 -14.51 -7.43
C ASP B 38 12.59 -14.91 -6.89
N PRO B 39 11.86 -13.97 -6.34
CA PRO B 39 10.60 -14.28 -5.73
C PRO B 39 9.38 -14.14 -6.64
N THR B 40 9.56 -14.12 -7.94
CA THR B 40 8.42 -14.03 -8.88
C THR B 40 7.59 -15.29 -8.98
N ILE B 41 6.29 -15.14 -8.88
CA ILE B 41 5.34 -16.17 -9.29
C ILE B 41 4.20 -15.59 -10.11
N GLU B 42 3.81 -14.37 -9.83
CA GLU B 42 2.75 -13.73 -10.56
C GLU B 42 3.35 -12.88 -11.62
N ASP B 43 2.64 -12.75 -12.71
CA ASP B 43 3.14 -12.03 -13.84
C ASP B 43 2.61 -10.67 -13.97
N SER B 44 1.36 -10.49 -13.62
CA SER B 44 0.78 -9.19 -13.64
C SER B 44 0.63 -8.65 -12.28
N TYR B 45 0.89 -7.38 -12.19
CA TYR B 45 0.77 -6.60 -10.97
C TYR B 45 -0.13 -5.41 -11.27
N ARG B 46 -0.84 -4.93 -10.24
CA ARG B 46 -1.68 -3.74 -10.41
C ARG B 46 -1.31 -2.69 -9.38
N LYS B 47 -1.26 -1.43 -9.81
CA LYS B 47 -0.87 -0.32 -8.97
C LYS B 47 -1.80 0.85 -9.20
N GLN B 48 -2.50 1.26 -8.15
CA GLN B 48 -3.39 2.41 -8.19
C GLN B 48 -2.58 3.66 -7.87
N VAL B 49 -2.45 4.57 -8.84
CA VAL B 49 -1.58 5.74 -8.71
C VAL B 49 -2.25 6.94 -9.36
N VAL B 50 -1.80 8.14 -8.96
CA VAL B 50 -2.25 9.38 -9.58
C VAL B 50 -1.10 9.95 -10.39
N ILE B 51 -1.34 10.23 -11.67
CA ILE B 51 -0.34 10.75 -12.59
C ILE B 51 -0.90 12.01 -13.23
N ASP B 52 -0.25 13.14 -12.99
CA ASP B 52 -0.62 14.41 -13.61
C ASP B 52 -2.07 14.78 -13.31
N GLY B 53 -2.56 14.41 -12.13
CA GLY B 53 -3.93 14.68 -11.73
C GLY B 53 -4.94 13.63 -12.13
N GLU B 54 -4.58 12.67 -12.96
CA GLU B 54 -5.49 11.62 -13.42
C GLU B 54 -5.25 10.34 -12.63
N THR B 55 -6.34 9.68 -12.22
CA THR B 55 -6.23 8.43 -11.49
C THR B 55 -6.09 7.24 -12.44
N CYS B 56 -5.07 6.42 -12.20
CA CYS B 56 -4.65 5.35 -13.08
C CYS B 56 -4.61 4.02 -12.33
N LEU B 57 -5.04 2.97 -13.02
CA LEU B 57 -4.85 1.59 -12.61
C LEU B 57 -3.78 1.03 -13.55
N LEU B 58 -2.54 0.99 -13.06
CA LEU B 58 -1.45 0.44 -13.83
C LEU B 58 -1.49 -1.09 -13.76
N ASP B 59 -1.41 -1.73 -14.91
CA ASP B 59 -1.46 -3.17 -15.06
C ASP B 59 -0.14 -3.57 -15.70
N ILE B 60 0.85 -3.86 -14.86
CA ILE B 60 2.19 -4.20 -15.32
C ILE B 60 2.23 -5.69 -15.60
N LEU B 61 2.77 -6.05 -16.75
CA LEU B 61 2.85 -7.43 -17.20
C LEU B 61 4.33 -7.75 -17.31
N ASP B 62 4.85 -8.43 -16.28
CA ASP B 62 6.25 -8.83 -16.23
C ASP B 62 6.44 -10.08 -17.07
N THR B 63 7.27 -9.99 -18.09
CA THR B 63 7.46 -11.07 -19.05
C THR B 63 8.72 -11.87 -18.73
N ALA B 64 8.75 -13.09 -19.25
CA ALA B 64 9.90 -13.95 -19.07
C ALA B 64 10.95 -13.66 -20.14
N GLY B 65 12.22 -13.80 -19.76
CA GLY B 65 13.32 -13.58 -20.68
C GLY B 65 13.80 -14.84 -21.38
N GLU B 68 11.94 -20.22 -27.25
CA GLU B 68 11.83 -19.12 -26.30
C GLU B 68 10.45 -18.46 -26.37
N TYR B 69 9.51 -19.16 -27.00
CA TYR B 69 8.14 -18.67 -27.11
C TYR B 69 7.37 -18.94 -25.82
N SER B 70 6.43 -18.04 -25.51
CA SER B 70 5.56 -18.20 -24.36
C SER B 70 4.17 -17.75 -24.76
N ALA B 71 3.18 -18.64 -24.62
CA ALA B 71 1.81 -18.26 -24.90
C ALA B 71 1.39 -17.05 -24.07
N MET B 72 1.75 -17.05 -22.79
CA MET B 72 1.44 -15.91 -21.94
C MET B 72 2.04 -14.63 -22.49
N ARG B 73 3.36 -14.61 -22.69
CA ARG B 73 4.02 -13.40 -23.18
C ARG B 73 3.36 -12.89 -24.45
N ASP B 74 2.94 -13.80 -25.34
CA ASP B 74 2.23 -13.39 -26.55
C ASP B 74 0.91 -12.71 -26.20
N GLN B 75 0.15 -13.32 -25.30
CA GLN B 75 -1.12 -12.73 -24.86
C GLN B 75 -0.89 -11.32 -24.32
N TYR B 76 -0.04 -11.18 -23.31
CA TYR B 76 0.24 -9.88 -22.73
C TYR B 76 0.71 -8.89 -23.79
N CYS B 77 1.61 -9.32 -24.68
CA CYS B 77 2.10 -8.44 -25.73
C CYS B 77 0.93 -7.89 -26.54
N ARG B 78 0.04 -8.77 -27.00
CA ARG B 78 -1.08 -8.31 -27.82
C ARG B 78 -2.00 -7.36 -27.05
N THR B 79 -2.23 -7.63 -25.77
CA THR B 79 -3.11 -6.76 -25.00
C THR B 79 -2.43 -5.48 -24.51
N GLY B 80 -1.09 -5.46 -24.43
CA GLY B 80 -0.41 -4.35 -23.80
C GLY B 80 -0.54 -3.06 -24.60
N GLU B 81 -0.65 -1.95 -23.87
CA GLU B 81 -0.72 -0.62 -24.48
C GLU B 81 0.61 0.10 -24.50
N GLY B 82 1.51 -0.23 -23.58
CA GLY B 82 2.84 0.35 -23.58
C GLY B 82 3.88 -0.70 -23.28
N PHE B 83 5.13 -0.41 -23.67
CA PHE B 83 6.22 -1.36 -23.51
C PHE B 83 7.48 -0.71 -22.96
N LEU B 84 8.00 -1.30 -21.89
CA LEU B 84 9.32 -0.99 -21.37
C LEU B 84 10.32 -1.98 -21.98
N CYS B 85 11.25 -1.47 -22.76
CA CYS B 85 12.29 -2.28 -23.39
C CYS B 85 13.55 -2.14 -22.56
N VAL B 86 13.83 -3.15 -21.74
CA VAL B 86 14.87 -3.08 -20.71
C VAL B 86 16.12 -3.79 -21.22
N PHE B 87 17.26 -3.12 -21.06
CA PHE B 87 18.57 -3.74 -21.15
C PHE B 87 19.36 -3.34 -19.91
N ALA B 88 20.46 -4.03 -19.65
CA ALA B 88 21.35 -3.70 -18.55
C ALA B 88 22.58 -2.97 -19.10
N ILE B 89 22.92 -1.84 -18.49
CA ILE B 89 24.06 -1.05 -18.96
C ILE B 89 25.37 -1.80 -18.84
N ASN B 90 25.40 -2.90 -18.09
CA ASN B 90 26.58 -3.75 -17.96
C ASN B 90 26.50 -5.00 -18.82
N ASN B 91 25.55 -5.05 -19.76
CA ASN B 91 25.29 -6.25 -20.56
C ASN B 91 25.09 -5.79 -22.01
N THR B 92 26.18 -5.79 -22.78
CA THR B 92 26.12 -5.35 -24.16
C THR B 92 25.13 -6.17 -24.97
N LYS B 93 25.12 -7.49 -24.76
CA LYS B 93 24.22 -8.37 -25.51
C LYS B 93 22.77 -7.94 -25.34
N SER B 94 22.35 -7.68 -24.09
CA SER B 94 20.97 -7.28 -23.86
C SER B 94 20.66 -5.97 -24.56
N PHE B 95 21.65 -5.07 -24.67
CA PHE B 95 21.44 -3.85 -25.43
C PHE B 95 21.27 -4.16 -26.92
N GLU B 96 22.08 -5.08 -27.44
CA GLU B 96 21.98 -5.45 -28.85
C GLU B 96 20.64 -6.13 -29.16
N ASP B 97 20.07 -6.84 -28.19
CA ASP B 97 18.82 -7.56 -28.40
C ASP B 97 17.59 -6.66 -28.42
N ILE B 98 17.71 -5.40 -27.99
CA ILE B 98 16.56 -4.52 -27.91
C ILE B 98 15.86 -4.42 -29.26
N HIS B 99 16.65 -4.29 -30.34
CA HIS B 99 16.08 -4.21 -31.69
C HIS B 99 15.10 -5.34 -31.96
N GLN B 100 15.45 -6.56 -31.55
CA GLN B 100 14.60 -7.71 -31.82
C GLN B 100 13.30 -7.63 -31.03
N TYR B 101 13.36 -7.16 -29.78
CA TYR B 101 12.14 -7.03 -28.98
C TYR B 101 11.23 -5.96 -29.55
N ARG B 102 11.79 -4.80 -29.89
CA ARG B 102 10.99 -3.75 -30.51
C ARG B 102 10.32 -4.25 -31.79
N GLU B 103 11.08 -4.96 -32.63
CA GLU B 103 10.50 -5.49 -33.86
C GLU B 103 9.37 -6.46 -33.55
N GLN B 104 9.59 -7.39 -32.62
CA GLN B 104 8.52 -8.31 -32.25
C GLN B 104 7.28 -7.55 -31.76
N ILE B 105 7.47 -6.43 -31.07
CA ILE B 105 6.32 -5.66 -30.59
C ILE B 105 5.57 -5.05 -31.77
N LYS B 106 6.31 -4.44 -32.71
CA LYS B 106 5.65 -3.87 -33.88
C LYS B 106 4.90 -4.93 -34.67
N ARG B 107 5.41 -6.16 -34.72
CA ARG B 107 4.67 -7.25 -35.35
C ARG B 107 3.41 -7.58 -34.57
N VAL B 108 3.56 -7.95 -33.31
CA VAL B 108 2.42 -8.41 -32.50
C VAL B 108 1.35 -7.33 -32.37
N LYS B 109 1.71 -6.06 -32.54
CA LYS B 109 0.76 -4.96 -32.47
C LYS B 109 0.30 -4.47 -33.83
N ASP B 110 0.86 -4.97 -34.92
CA ASP B 110 0.52 -4.52 -36.27
C ASP B 110 0.54 -3.00 -36.35
N SER B 111 1.63 -2.40 -35.90
CA SER B 111 1.75 -0.96 -35.90
C SER B 111 3.15 -0.53 -35.72
N ASP B 112 3.49 0.63 -36.26
CA ASP B 112 4.77 1.22 -36.07
C ASP B 112 4.76 2.36 -35.08
N ASP B 113 3.67 2.52 -34.38
CA ASP B 113 3.49 3.59 -33.43
C ASP B 113 3.07 3.07 -32.07
N VAL B 114 3.85 2.16 -31.53
CA VAL B 114 3.61 1.59 -30.23
C VAL B 114 4.37 2.33 -29.16
N PRO B 115 3.58 2.81 -28.10
CA PRO B 115 4.31 3.51 -27.06
C PRO B 115 5.37 2.68 -26.32
N MET B 116 6.61 3.18 -26.30
CA MET B 116 7.72 2.45 -25.73
C MET B 116 8.64 3.40 -24.97
N VAL B 117 9.38 2.84 -24.03
CA VAL B 117 10.51 3.52 -23.40
C VAL B 117 11.71 2.60 -23.45
N LEU B 118 12.88 3.16 -23.73
CA LEU B 118 14.13 2.43 -23.64
C LEU B 118 14.69 2.62 -22.24
N VAL B 119 14.90 1.51 -21.53
CA VAL B 119 15.32 1.53 -20.14
C VAL B 119 16.69 0.87 -20.02
N GLY B 120 17.68 1.65 -19.59
CA GLY B 120 18.98 1.11 -19.26
C GLY B 120 19.14 0.92 -17.76
N ASN B 121 18.86 -0.30 -17.29
CA ASN B 121 18.80 -0.61 -15.88
C ASN B 121 20.18 -0.95 -15.33
N LYS B 122 20.26 -1.05 -14.00
CA LYS B 122 21.50 -1.37 -13.30
C LYS B 122 22.54 -0.25 -13.44
N CYS B 123 22.07 0.98 -13.58
CA CYS B 123 22.99 2.11 -13.69
C CYS B 123 23.79 2.35 -12.41
N ASP B 124 23.50 1.62 -11.33
CA ASP B 124 24.30 1.72 -10.10
C ASP B 124 25.64 1.00 -10.21
N LEU B 125 25.78 0.09 -11.16
CA LEU B 125 27.00 -0.68 -11.31
C LEU B 125 28.03 0.09 -12.12
N ALA B 126 29.26 0.08 -11.64
CA ALA B 126 30.36 0.79 -12.30
C ALA B 126 30.83 0.11 -13.54
N ALA B 127 30.58 -1.18 -13.63
CA ALA B 127 30.96 -1.93 -14.81
C ALA B 127 30.19 -1.66 -16.09
N ARG B 128 30.15 -0.43 -16.56
CA ARG B 128 29.33 -0.07 -17.68
C ARG B 128 29.99 -0.38 -19.00
N THR B 129 29.29 -1.08 -19.86
CA THR B 129 29.75 -1.34 -21.22
C THR B 129 28.85 -0.72 -22.28
N VAL B 130 27.66 -0.27 -21.92
CA VAL B 130 26.75 0.44 -22.81
C VAL B 130 26.77 1.90 -22.39
N GLU B 131 27.43 2.74 -23.17
CA GLU B 131 27.48 4.16 -22.88
C GLU B 131 26.11 4.77 -23.06
N SER B 132 25.77 5.76 -22.22
CA SER B 132 24.48 6.44 -22.36
C SER B 132 24.37 7.15 -23.69
N ARG B 133 25.50 7.47 -24.33
CA ARG B 133 25.47 8.13 -25.64
C ARG B 133 24.90 7.20 -26.69
N GLN B 134 25.38 5.95 -26.75
CA GLN B 134 24.87 5.02 -27.77
C GLN B 134 23.45 4.56 -27.45
N ALA B 135 23.12 4.42 -26.16
CA ALA B 135 21.72 4.17 -25.79
C ALA B 135 20.82 5.31 -26.27
N GLN B 136 21.27 6.55 -26.10
CA GLN B 136 20.51 7.70 -26.58
C GLN B 136 20.38 7.67 -28.10
N ASP B 137 21.44 7.31 -28.80
CA ASP B 137 21.36 7.22 -30.26
C ASP B 137 20.33 6.18 -30.68
N LEU B 138 20.30 5.03 -29.99
CA LEU B 138 19.28 4.03 -30.28
C LEU B 138 17.87 4.57 -30.04
N ALA B 139 17.64 5.13 -28.86
CA ALA B 139 16.32 5.70 -28.56
C ALA B 139 15.92 6.71 -29.62
N ARG B 140 16.86 7.52 -30.10
CA ARG B 140 16.55 8.52 -31.12
C ARG B 140 16.19 7.85 -32.43
N SER B 141 16.91 6.79 -32.81
CA SER B 141 16.54 6.06 -34.01
C SER B 141 15.14 5.50 -33.89
N TYR B 142 14.68 5.22 -32.66
CA TYR B 142 13.33 4.73 -32.46
C TYR B 142 12.30 5.84 -32.24
N GLY B 143 12.74 7.06 -31.95
CA GLY B 143 11.79 8.10 -31.61
C GLY B 143 11.13 7.88 -30.27
N ILE B 144 11.88 7.46 -29.27
CA ILE B 144 11.34 7.20 -27.94
C ILE B 144 12.28 7.76 -26.90
N PRO B 145 11.82 7.96 -25.67
CA PRO B 145 12.70 8.43 -24.60
C PRO B 145 13.57 7.31 -24.08
N TYR B 146 14.82 7.66 -23.74
CA TYR B 146 15.71 6.75 -23.04
C TYR B 146 15.77 7.15 -21.57
N ILE B 147 15.57 6.19 -20.68
CA ILE B 147 15.54 6.45 -19.25
C ILE B 147 16.46 5.44 -18.56
N GLU B 148 17.45 5.95 -17.83
CA GLU B 148 18.40 5.12 -17.11
C GLU B 148 17.87 4.88 -15.70
N THR B 149 17.88 3.61 -15.28
CA THR B 149 17.25 3.22 -14.03
C THR B 149 18.19 2.36 -13.21
N SER B 150 17.88 2.28 -11.91
CA SER B 150 18.47 1.31 -10.99
C SER B 150 17.33 0.77 -10.14
N ALA B 151 17.01 -0.51 -10.31
CA ALA B 151 16.04 -1.16 -9.43
C ALA B 151 16.54 -1.22 -7.99
N LYS B 152 17.85 -1.08 -7.78
CA LYS B 152 18.42 -1.14 -6.44
C LYS B 152 18.19 0.16 -5.68
N THR B 153 18.58 1.29 -6.28
CA THR B 153 18.42 2.59 -5.65
C THR B 153 17.09 3.24 -6.01
N ARG B 154 16.30 2.62 -6.88
CA ARG B 154 15.01 3.12 -7.36
C ARG B 154 15.16 4.32 -8.29
N GLN B 155 16.39 4.69 -8.67
CA GLN B 155 16.59 5.81 -9.57
C GLN B 155 15.87 5.56 -10.90
N GLY B 156 15.07 6.55 -11.32
CA GLY B 156 14.48 6.55 -12.64
C GLY B 156 13.38 5.54 -12.88
N VAL B 157 12.94 4.83 -11.85
CA VAL B 157 11.94 3.77 -12.03
C VAL B 157 10.57 4.39 -12.35
N GLU B 158 10.06 5.18 -11.41
CA GLU B 158 8.82 5.90 -11.66
C GLU B 158 8.90 6.72 -12.94
N ASP B 159 10.07 7.27 -13.24
CA ASP B 159 10.21 8.07 -14.45
C ASP B 159 9.93 7.23 -15.68
N ALA B 160 10.50 6.01 -15.74
CA ALA B 160 10.27 5.13 -16.87
C ALA B 160 8.79 4.80 -17.00
N PHE B 161 8.21 4.19 -15.96
CA PHE B 161 6.82 3.73 -16.07
C PHE B 161 5.87 4.88 -16.37
N TYR B 162 6.02 6.00 -15.65
CA TYR B 162 5.11 7.12 -15.82
C TYR B 162 5.32 7.83 -17.16
N THR B 163 6.55 7.89 -17.66
CA THR B 163 6.76 8.39 -19.01
C THR B 163 5.96 7.56 -20.01
N LEU B 164 6.00 6.23 -19.86
CA LEU B 164 5.21 5.38 -20.75
C LEU B 164 3.73 5.73 -20.66
N VAL B 165 3.19 5.82 -19.43
CA VAL B 165 1.77 6.16 -19.28
C VAL B 165 1.47 7.49 -19.96
N ARG B 166 2.32 8.50 -19.72
CA ARG B 166 2.07 9.82 -20.28
C ARG B 166 2.06 9.79 -21.80
N GLU B 167 2.90 8.94 -22.41
CA GLU B 167 2.83 8.81 -23.86
C GLU B 167 1.52 8.14 -24.29
N ILE B 168 1.10 7.10 -23.56
CA ILE B 168 -0.16 6.43 -23.91
C ILE B 168 -1.31 7.43 -23.88
N ARG B 169 -1.31 8.34 -22.92
CA ARG B 169 -2.40 9.30 -22.79
C ARG B 169 -2.58 10.12 -24.07
N GLN B 170 -1.50 10.73 -24.55
CA GLN B 170 -1.57 11.53 -25.77
C GLN B 170 -1.72 10.68 -27.03
N HIS B 171 -1.57 9.37 -26.92
CA HIS B 171 -1.73 8.48 -28.05
C HIS B 171 -3.22 8.25 -28.33
N MET C 6 2.88 -15.28 23.92
CA MET C 6 2.57 -14.03 23.19
C MET C 6 1.05 -13.82 23.06
N THR C 7 0.66 -12.61 22.69
CA THR C 7 -0.74 -12.27 22.55
C THR C 7 -1.38 -13.05 21.41
N GLU C 8 -2.66 -13.39 21.57
CA GLU C 8 -3.40 -14.19 20.59
C GLU C 8 -4.72 -13.48 20.32
N TYR C 9 -4.80 -12.79 19.17
CA TYR C 9 -5.96 -11.99 18.80
C TYR C 9 -6.95 -12.85 18.03
N LYS C 10 -8.20 -12.89 18.50
CA LYS C 10 -9.27 -13.59 17.79
C LYS C 10 -9.97 -12.61 16.86
N LEU C 11 -9.82 -12.85 15.56
CA LEU C 11 -10.44 -12.07 14.50
C LEU C 11 -11.45 -12.93 13.78
N VAL C 12 -12.56 -12.32 13.38
CA VAL C 12 -13.65 -13.01 12.69
C VAL C 12 -14.01 -12.21 11.44
N VAL C 13 -14.11 -12.91 10.36
CA VAL C 13 -14.45 -12.39 9.08
C VAL C 13 -15.88 -12.76 8.69
N VAL C 14 -16.69 -11.75 8.56
CA VAL C 14 -18.05 -11.88 8.17
C VAL C 14 -18.48 -11.00 7.01
N GLY C 15 -19.65 -11.33 6.51
CA GLY C 15 -20.26 -10.73 5.36
C GLY C 15 -20.91 -11.69 4.40
N ALA C 16 -21.57 -11.10 3.43
CA ALA C 16 -22.40 -11.83 2.47
C ALA C 16 -21.66 -12.74 1.51
N GLY C 17 -22.37 -13.70 1.00
CA GLY C 17 -21.90 -14.62 0.01
C GLY C 17 -21.13 -14.03 -1.12
N GLY C 18 -19.94 -14.57 -1.34
CA GLY C 18 -19.12 -14.17 -2.43
C GLY C 18 -18.47 -12.82 -2.41
N VAL C 19 -18.53 -12.16 -1.27
CA VAL C 19 -17.86 -10.87 -1.13
C VAL C 19 -16.33 -11.04 -1.08
N GLY C 20 -15.84 -12.21 -0.69
CA GLY C 20 -14.41 -12.45 -0.64
C GLY C 20 -13.83 -12.59 0.76
N LYS C 21 -14.63 -13.10 1.69
CA LYS C 21 -14.13 -13.39 3.04
C LYS C 21 -12.95 -14.36 2.98
N SER C 22 -13.17 -15.52 2.34
CA SER C 22 -12.11 -16.51 2.22
C SER C 22 -10.96 -15.98 1.39
N ALA C 23 -11.24 -15.19 0.35
CA ALA C 23 -10.15 -14.66 -0.47
C ALA C 23 -9.19 -13.80 0.35
N LEU C 24 -9.75 -12.92 1.20
CA LEU C 24 -8.90 -12.09 2.05
C LEU C 24 -8.14 -12.95 3.06
N THR C 25 -8.84 -13.85 3.75
CA THR C 25 -8.17 -14.74 4.68
C THR C 25 -6.99 -15.46 4.01
N ILE C 26 -7.25 -16.11 2.87
CA ILE C 26 -6.23 -16.87 2.18
C ILE C 26 -5.07 -15.98 1.77
N GLN C 27 -5.37 -14.78 1.26
CA GLN C 27 -4.29 -13.88 0.89
C GLN C 27 -3.40 -13.57 2.07
N LEU C 28 -3.99 -13.46 3.27
CA LEU C 28 -3.15 -13.23 4.45
C LEU C 28 -2.39 -14.49 4.89
N ILE C 29 -3.05 -15.64 4.85
CA ILE C 29 -2.48 -16.87 5.41
C ILE C 29 -1.53 -17.54 4.42
N GLN C 30 -1.91 -17.58 3.14
CA GLN C 30 -1.15 -18.33 2.15
C GLN C 30 -0.47 -17.45 1.10
N ASN C 31 -0.87 -16.18 0.98
CA ASN C 31 -0.19 -15.23 0.11
C ASN C 31 -0.46 -15.49 -1.37
N HIS C 32 -1.63 -16.03 -1.70
CA HIS C 32 -2.03 -16.21 -3.09
C HIS C 32 -3.52 -15.92 -3.23
N PHE C 33 -3.91 -15.50 -4.42
CA PHE C 33 -5.31 -15.20 -4.70
C PHE C 33 -6.09 -16.49 -4.88
N VAL C 34 -7.22 -16.58 -4.16
CA VAL C 34 -8.04 -17.79 -4.18
C VAL C 34 -8.26 -18.26 -5.61
N ASP C 35 -8.09 -19.57 -5.82
CA ASP C 35 -8.45 -20.25 -7.06
C ASP C 35 -9.42 -21.39 -6.73
N GLU C 36 -9.86 -22.10 -7.77
CA GLU C 36 -10.84 -23.17 -7.56
C GLU C 36 -10.23 -24.40 -6.86
N TYR C 37 -9.00 -24.35 -6.35
CA TYR C 37 -8.47 -25.43 -5.53
C TYR C 37 -8.27 -24.97 -4.08
N ASP C 38 -8.92 -23.88 -3.68
CA ASP C 38 -8.91 -23.43 -2.30
C ASP C 38 -10.29 -23.62 -1.70
N PRO C 39 -10.44 -24.34 -0.59
CA PRO C 39 -11.77 -24.45 0.04
C PRO C 39 -12.25 -23.13 0.61
N THR C 40 -13.32 -22.58 0.04
CA THR C 40 -13.93 -21.36 0.56
C THR C 40 -14.88 -21.63 1.72
N ILE C 41 -14.92 -22.86 2.22
CA ILE C 41 -15.81 -23.24 3.31
C ILE C 41 -15.27 -22.68 4.63
N GLU C 42 -16.17 -22.59 5.61
CA GLU C 42 -15.82 -22.02 6.91
C GLU C 42 -14.66 -22.77 7.54
N ASP C 43 -13.78 -22.04 8.22
CA ASP C 43 -12.65 -22.67 8.91
C ASP C 43 -11.94 -21.57 9.71
N SER C 44 -10.91 -21.96 10.40
CA SER C 44 -10.07 -21.05 11.16
C SER C 44 -8.57 -21.24 10.90
N TYR C 45 -7.83 -20.18 10.93
CA TYR C 45 -6.45 -20.20 10.60
C TYR C 45 -5.62 -19.39 11.54
N ARG C 46 -4.52 -19.97 12.03
CA ARG C 46 -3.65 -19.27 12.97
C ARG C 46 -2.34 -18.87 12.28
N LYS C 47 -1.88 -17.66 12.54
CA LYS C 47 -0.67 -17.14 11.91
C LYS C 47 0.11 -16.27 12.89
N GLN C 48 1.41 -16.51 13.00
CA GLN C 48 2.29 -15.66 13.80
C GLN C 48 2.81 -14.52 12.94
N VAL C 49 2.58 -13.28 13.39
CA VAL C 49 3.02 -12.09 12.68
C VAL C 49 3.64 -11.13 13.68
N VAL C 50 4.25 -10.07 13.16
CA VAL C 50 4.83 -8.99 13.96
C VAL C 50 4.09 -7.70 13.60
N ILE C 51 3.31 -7.19 14.53
CA ILE C 51 2.54 -5.96 14.34
C ILE C 51 3.09 -4.91 15.29
N ASP C 52 3.65 -3.84 14.72
CA ASP C 52 4.15 -2.71 15.49
C ASP C 52 5.14 -3.15 16.55
N GLY C 53 6.11 -3.96 16.14
CA GLY C 53 7.13 -4.43 17.05
C GLY C 53 6.66 -5.44 18.07
N GLU C 54 5.42 -5.91 17.99
CA GLU C 54 4.90 -6.93 18.89
C GLU C 54 4.61 -8.19 18.11
N THR C 55 5.32 -9.27 18.43
CA THR C 55 5.01 -10.57 17.85
C THR C 55 3.72 -11.11 18.49
N CYS C 56 2.85 -11.68 17.66
CA CYS C 56 1.56 -12.15 18.14
C CYS C 56 0.98 -13.18 17.18
N LEU C 57 -0.09 -13.83 17.65
CA LEU C 57 -0.83 -14.81 16.89
C LEU C 57 -2.17 -14.21 16.46
N LEU C 58 -2.55 -14.51 15.23
CA LEU C 58 -3.85 -14.13 14.69
C LEU C 58 -4.65 -15.41 14.46
N ASP C 59 -5.75 -15.55 15.20
CA ASP C 59 -6.72 -16.61 15.00
C ASP C 59 -7.85 -16.05 14.14
N ILE C 60 -7.90 -16.44 12.87
CA ILE C 60 -8.81 -15.86 11.91
C ILE C 60 -9.91 -16.88 11.62
N LEU C 61 -11.13 -16.56 12.02
CA LEU C 61 -12.30 -17.37 11.67
C LEU C 61 -12.90 -16.82 10.38
N ASP C 62 -12.83 -17.62 9.32
CA ASP C 62 -13.47 -17.33 8.05
C ASP C 62 -14.83 -18.04 8.06
N THR C 63 -15.89 -17.26 8.19
CA THR C 63 -17.24 -17.76 8.42
C THR C 63 -17.95 -18.11 7.12
N ALA C 64 -18.98 -18.95 7.24
CA ALA C 64 -19.79 -19.38 6.11
C ALA C 64 -21.05 -18.52 6.07
N GLY C 65 -21.08 -17.54 5.18
CA GLY C 65 -22.21 -16.66 5.04
C GLY C 65 -23.12 -17.03 3.88
N GLU C 68 -24.88 -25.07 6.52
CA GLU C 68 -24.39 -23.89 7.23
C GLU C 68 -24.53 -24.06 8.74
N TYR C 69 -24.98 -25.24 9.18
CA TYR C 69 -25.17 -25.47 10.60
C TYR C 69 -23.83 -25.57 11.31
N SER C 70 -23.77 -25.01 12.53
CA SER C 70 -22.58 -25.09 13.36
C SER C 70 -23.01 -24.90 14.81
N ALA C 71 -22.85 -25.95 15.62
CA ALA C 71 -23.29 -25.89 17.01
C ALA C 71 -22.58 -24.80 17.80
N MET C 72 -21.33 -24.47 17.42
CA MET C 72 -20.52 -23.54 18.18
C MET C 72 -20.16 -22.28 17.38
N ARG C 73 -20.87 -21.97 16.30
CA ARG C 73 -20.60 -20.72 15.59
C ARG C 73 -20.85 -19.53 16.51
N ASP C 74 -21.96 -19.57 17.26
CA ASP C 74 -22.27 -18.47 18.16
C ASP C 74 -21.19 -18.27 19.21
N GLN C 75 -20.54 -19.35 19.65
CA GLN C 75 -19.48 -19.24 20.65
C GLN C 75 -18.20 -18.70 20.03
N TYR C 76 -17.79 -19.23 18.87
CA TYR C 76 -16.66 -18.66 18.15
C TYR C 76 -16.87 -17.17 17.90
N CYS C 77 -18.11 -16.77 17.60
CA CYS C 77 -18.41 -15.37 17.36
C CYS C 77 -18.32 -14.56 18.65
N ARG C 78 -18.84 -15.09 19.76
CA ARG C 78 -18.75 -14.40 21.03
C ARG C 78 -17.29 -14.25 21.48
N THR C 79 -16.42 -15.16 21.06
CA THR C 79 -15.01 -15.10 21.44
C THR C 79 -14.19 -14.17 20.55
N GLY C 80 -14.68 -13.87 19.35
CA GLY C 80 -13.98 -12.95 18.48
C GLY C 80 -13.74 -11.62 19.15
N GLU C 81 -12.50 -11.16 19.13
CA GLU C 81 -12.16 -9.86 19.69
C GLU C 81 -12.21 -8.74 18.66
N GLY C 82 -12.12 -9.08 17.38
CA GLY C 82 -12.27 -8.08 16.33
C GLY C 82 -12.98 -8.69 15.14
N PHE C 83 -13.66 -7.84 14.38
CA PHE C 83 -14.50 -8.29 13.27
C PHE C 83 -14.25 -7.47 12.02
N LEU C 84 -13.98 -8.17 10.91
CA LEU C 84 -14.03 -7.57 9.58
C LEU C 84 -15.43 -7.79 9.00
N CYS C 85 -16.12 -6.69 8.73
CA CYS C 85 -17.42 -6.74 8.05
C CYS C 85 -17.18 -6.41 6.59
N VAL C 86 -17.25 -7.43 5.73
CA VAL C 86 -16.80 -7.35 4.35
C VAL C 86 -18.02 -7.22 3.44
N PHE C 87 -17.90 -6.32 2.46
CA PHE C 87 -18.82 -6.26 1.33
C PHE C 87 -17.97 -6.07 0.07
N ALA C 88 -18.58 -6.28 -1.09
CA ALA C 88 -17.91 -6.11 -2.37
C ALA C 88 -18.40 -4.82 -3.01
N ILE C 89 -17.47 -3.99 -3.50
CA ILE C 89 -17.82 -2.72 -4.11
C ILE C 89 -18.67 -2.84 -5.36
N ASN C 90 -18.79 -4.04 -5.93
CA ASN C 90 -19.67 -4.30 -7.06
C ASN C 90 -20.85 -5.19 -6.65
N ASN C 91 -21.24 -5.13 -5.37
CA ASN C 91 -22.33 -5.96 -4.84
C ASN C 91 -23.13 -5.09 -3.87
N THR C 92 -24.07 -4.33 -4.41
CA THR C 92 -24.85 -3.40 -3.60
C THR C 92 -25.55 -4.12 -2.46
N LYS C 93 -26.14 -5.29 -2.74
CA LYS C 93 -26.83 -6.05 -1.70
C LYS C 93 -25.89 -6.38 -0.55
N SER C 94 -24.69 -6.86 -0.85
CA SER C 94 -23.73 -7.19 0.20
C SER C 94 -23.43 -5.97 1.05
N PHE C 95 -23.42 -4.78 0.45
CA PHE C 95 -23.25 -3.56 1.23
C PHE C 95 -24.44 -3.32 2.13
N GLU C 96 -25.65 -3.65 1.65
CA GLU C 96 -26.84 -3.43 2.47
C GLU C 96 -26.95 -4.44 3.61
N ASP C 97 -26.34 -5.63 3.47
CA ASP C 97 -26.36 -6.64 4.52
C ASP C 97 -25.47 -6.28 5.70
N ILE C 98 -24.54 -5.33 5.51
CA ILE C 98 -23.59 -4.96 6.56
C ILE C 98 -24.33 -4.59 7.83
N HIS C 99 -25.44 -3.86 7.72
CA HIS C 99 -26.19 -3.48 8.91
C HIS C 99 -26.61 -4.70 9.70
N GLN C 100 -27.11 -5.73 9.01
CA GLN C 100 -27.48 -6.97 9.68
C GLN C 100 -26.27 -7.57 10.39
N TYR C 101 -25.14 -7.68 9.70
CA TYR C 101 -23.97 -8.30 10.33
C TYR C 101 -23.51 -7.53 11.56
N ARG C 102 -23.46 -6.20 11.46
CA ARG C 102 -23.01 -5.42 12.61
C ARG C 102 -23.98 -5.55 13.77
N GLU C 103 -25.29 -5.47 13.48
CA GLU C 103 -26.27 -5.65 14.54
C GLU C 103 -26.09 -7.00 15.21
N GLN C 104 -25.78 -8.03 14.42
CA GLN C 104 -25.57 -9.36 15.01
C GLN C 104 -24.34 -9.38 15.89
N ILE C 105 -23.25 -8.76 15.44
CA ILE C 105 -22.02 -8.76 16.23
C ILE C 105 -22.26 -8.02 17.56
N LYS C 106 -22.89 -6.86 17.50
CA LYS C 106 -23.27 -6.14 18.72
C LYS C 106 -24.11 -7.04 19.62
N ARG C 107 -25.10 -7.72 19.04
CA ARG C 107 -25.94 -8.62 19.82
C ARG C 107 -25.11 -9.67 20.56
N VAL C 108 -24.28 -10.40 19.81
CA VAL C 108 -23.54 -11.54 20.38
C VAL C 108 -22.46 -11.07 21.34
N LYS C 109 -21.83 -9.93 21.06
CA LYS C 109 -20.85 -9.35 21.97
C LYS C 109 -21.48 -8.56 23.12
N ASP C 110 -22.82 -8.47 23.14
CA ASP C 110 -23.54 -7.69 24.15
C ASP C 110 -22.83 -6.38 24.42
N SER C 111 -22.52 -5.67 23.33
CA SER C 111 -21.82 -4.39 23.41
C SER C 111 -22.00 -3.64 22.10
N ASP C 112 -22.16 -2.33 22.20
CA ASP C 112 -22.21 -1.47 21.02
C ASP C 112 -20.86 -0.84 20.70
N ASP C 113 -19.79 -1.29 21.37
CA ASP C 113 -18.43 -0.77 21.16
C ASP C 113 -17.50 -1.97 20.92
N VAL C 114 -17.65 -2.59 19.76
CA VAL C 114 -16.84 -3.77 19.40
C VAL C 114 -15.75 -3.33 18.43
N PRO C 115 -14.51 -3.81 18.58
CA PRO C 115 -13.50 -3.55 17.55
C PRO C 115 -13.95 -4.11 16.21
N MET C 116 -13.92 -3.25 15.19
CA MET C 116 -14.53 -3.61 13.92
C MET C 116 -13.98 -2.69 12.84
N VAL C 117 -13.89 -3.24 11.62
CA VAL C 117 -13.46 -2.50 10.45
C VAL C 117 -14.39 -2.82 9.29
N LEU C 118 -14.85 -1.79 8.59
CA LEU C 118 -15.66 -1.98 7.40
C LEU C 118 -14.73 -2.12 6.20
N VAL C 119 -14.80 -3.27 5.53
CA VAL C 119 -13.92 -3.60 4.42
C VAL C 119 -14.72 -3.61 3.13
N GLY C 120 -14.24 -2.87 2.13
CA GLY C 120 -14.84 -2.87 0.82
C GLY C 120 -13.94 -3.61 -0.16
N ASN C 121 -14.22 -4.89 -0.38
CA ASN C 121 -13.32 -5.75 -1.14
C ASN C 121 -13.54 -5.60 -2.64
N LYS C 122 -12.60 -6.12 -3.41
CA LYS C 122 -12.68 -6.16 -4.87
C LYS C 122 -12.47 -4.79 -5.50
N CYS C 123 -11.70 -3.93 -4.83
CA CYS C 123 -11.43 -2.58 -5.32
C CYS C 123 -10.56 -2.56 -6.57
N ASP C 124 -10.09 -3.71 -7.03
CA ASP C 124 -9.33 -3.81 -8.28
C ASP C 124 -10.22 -3.73 -9.51
N LEU C 125 -11.54 -3.78 -9.35
CA LEU C 125 -12.44 -3.90 -10.48
C LEU C 125 -12.58 -2.58 -11.23
N ALA C 126 -12.84 -2.70 -12.53
CA ALA C 126 -12.93 -1.52 -13.39
C ALA C 126 -14.17 -0.69 -13.08
N ALA C 127 -15.25 -1.32 -12.60
CA ALA C 127 -16.49 -0.63 -12.31
C ALA C 127 -17.04 -1.10 -10.97
N ARG C 128 -17.77 -0.20 -10.31
CA ARG C 128 -18.30 -0.44 -8.98
C ARG C 128 -19.71 0.12 -8.88
N THR C 129 -20.51 -0.48 -8.00
CA THR C 129 -21.87 -0.01 -7.73
C THR C 129 -22.02 0.60 -6.35
N VAL C 130 -21.09 0.33 -5.44
CA VAL C 130 -21.07 0.95 -4.12
C VAL C 130 -20.03 2.07 -4.14
N GLU C 131 -20.49 3.29 -3.92
CA GLU C 131 -19.59 4.43 -3.90
C GLU C 131 -18.75 4.42 -2.63
N SER C 132 -17.47 4.79 -2.76
CA SER C 132 -16.60 4.85 -1.61
C SER C 132 -17.16 5.77 -0.54
N ARG C 133 -17.80 6.87 -0.96
CA ARG C 133 -18.32 7.84 0.00
C ARG C 133 -19.45 7.22 0.83
N GLN C 134 -20.30 6.41 0.21
CA GLN C 134 -21.37 5.75 0.95
C GLN C 134 -20.81 4.90 2.08
N ALA C 135 -19.76 4.12 1.80
CA ALA C 135 -19.16 3.28 2.82
C ALA C 135 -18.42 4.11 3.87
N GLN C 136 -17.79 5.22 3.47
CA GLN C 136 -17.14 6.08 4.45
C GLN C 136 -18.17 6.69 5.40
N ASP C 137 -19.32 7.09 4.87
CA ASP C 137 -20.36 7.68 5.72
C ASP C 137 -20.97 6.63 6.64
N LEU C 138 -21.26 5.44 6.12
CA LEU C 138 -21.76 4.36 6.98
C LEU C 138 -20.77 4.03 8.09
N ALA C 139 -19.49 3.88 7.73
CA ALA C 139 -18.46 3.60 8.73
C ALA C 139 -18.43 4.69 9.79
N ARG C 140 -18.42 5.96 9.36
CA ARG C 140 -18.41 7.06 10.33
C ARG C 140 -19.59 6.95 11.28
N SER C 141 -20.78 6.69 10.75
CA SER C 141 -21.94 6.57 11.62
C SER C 141 -21.81 5.38 12.56
N TYR C 142 -21.05 4.35 12.18
CA TYR C 142 -20.78 3.25 13.09
C TYR C 142 -19.64 3.56 14.05
N GLY C 143 -18.78 4.51 13.72
CA GLY C 143 -17.63 4.79 14.52
C GLY C 143 -16.43 3.90 14.25
N ILE C 144 -16.32 3.35 13.04
CA ILE C 144 -15.25 2.41 12.75
C ILE C 144 -14.51 2.88 11.51
N PRO C 145 -13.31 2.36 11.27
CA PRO C 145 -12.61 2.66 10.02
C PRO C 145 -13.25 1.98 8.83
N TYR C 146 -13.02 2.57 7.66
CA TYR C 146 -13.36 1.98 6.36
C TYR C 146 -12.10 1.84 5.53
N ILE C 147 -11.85 0.63 5.04
CA ILE C 147 -10.70 0.35 4.19
C ILE C 147 -11.16 -0.43 2.97
N GLU C 148 -10.68 -0.02 1.80
CA GLU C 148 -10.91 -0.78 0.57
C GLU C 148 -9.75 -1.73 0.32
N THR C 149 -10.08 -2.95 -0.08
CA THR C 149 -9.09 -3.99 -0.28
C THR C 149 -9.33 -4.69 -1.61
N SER C 150 -8.33 -5.45 -2.03
CA SER C 150 -8.45 -6.38 -3.16
C SER C 150 -7.67 -7.62 -2.79
N ALA C 151 -8.38 -8.73 -2.55
CA ALA C 151 -7.70 -10.00 -2.33
C ALA C 151 -6.90 -10.42 -3.55
N LYS C 152 -7.25 -9.91 -4.73
CA LYS C 152 -6.55 -10.29 -5.95
C LYS C 152 -5.21 -9.58 -6.08
N THR C 153 -5.16 -8.29 -5.76
CA THR C 153 -3.94 -7.50 -5.89
C THR C 153 -3.16 -7.35 -4.58
N ARG C 154 -3.66 -7.95 -3.49
CA ARG C 154 -3.06 -7.80 -2.17
C ARG C 154 -3.31 -6.40 -1.59
N GLN C 155 -3.85 -5.51 -2.42
CA GLN C 155 -4.08 -4.12 -2.03
C GLN C 155 -4.93 -4.03 -0.76
N GLY C 156 -4.38 -3.37 0.26
CA GLY C 156 -5.11 -3.06 1.47
C GLY C 156 -5.35 -4.22 2.42
N VAL C 157 -4.94 -5.43 2.07
CA VAL C 157 -5.28 -6.61 2.86
C VAL C 157 -4.62 -6.53 4.24
N GLU C 158 -3.28 -6.56 4.25
CA GLU C 158 -2.53 -6.41 5.50
C GLU C 158 -3.01 -5.18 6.26
N ASP C 159 -3.26 -4.09 5.54
CA ASP C 159 -3.76 -2.88 6.20
C ASP C 159 -5.05 -3.15 6.93
N ALA C 160 -5.95 -3.94 6.33
CA ALA C 160 -7.23 -4.24 6.96
C ALA C 160 -7.03 -5.02 8.25
N PHE C 161 -6.33 -6.16 8.16
CA PHE C 161 -6.21 -7.00 9.35
C PHE C 161 -5.44 -6.29 10.45
N TYR C 162 -4.35 -5.61 10.09
CA TYR C 162 -3.55 -4.91 11.09
C TYR C 162 -4.33 -3.76 11.72
N THR C 163 -5.04 -2.97 10.91
CA THR C 163 -5.88 -1.93 11.48
C THR C 163 -6.88 -2.53 12.46
N LEU C 164 -7.42 -3.71 12.15
CA LEU C 164 -8.32 -4.35 13.10
C LEU C 164 -7.61 -4.67 14.41
N VAL C 165 -6.40 -5.21 14.33
CA VAL C 165 -5.65 -5.50 15.55
C VAL C 165 -5.44 -4.23 16.36
N ARG C 166 -4.96 -3.17 15.72
CA ARG C 166 -4.74 -1.92 16.44
C ARG C 166 -6.04 -1.39 17.03
N GLU C 167 -7.15 -1.63 16.35
CA GLU C 167 -8.45 -1.24 16.89
C GLU C 167 -8.75 -2.01 18.17
N ILE C 168 -8.46 -3.31 18.18
CA ILE C 168 -8.58 -4.08 19.43
C ILE C 168 -7.67 -3.49 20.50
N ARG C 169 -6.48 -3.06 20.13
CA ARG C 169 -5.54 -2.49 21.10
C ARG C 169 -6.07 -1.19 21.70
N GLN C 170 -6.77 -0.38 20.91
CA GLN C 170 -7.38 0.82 21.47
C GLN C 170 -8.39 0.47 22.55
N HIS C 171 -8.98 -0.71 22.49
CA HIS C 171 -10.13 -1.05 23.31
C HIS C 171 -9.78 -1.10 24.79
#